data_5HO8
#
_entry.id   5HO8
#
_cell.length_a   122.993
_cell.length_b   122.993
_cell.length_c   47.187
_cell.angle_alpha   90.00
_cell.angle_beta   90.00
_cell.angle_gamma   120.00
#
_symmetry.space_group_name_H-M   'P 32 2 1'
#
loop_
_entity.id
_entity.type
_entity.pdbx_description
1 polymer '3-phosphoinositide-dependent protein kinase 1'
2 non-polymer 4-butyl-6-(1H-pyrrolo[2,3-b]pyridin-3-yl)pyrimidin-2-amine
3 non-polymer 'SULFATE ION'
4 water water
#
_entity_poly.entity_id   1
_entity_poly.type   'polypeptide(L)'
_entity_poly.pdbx_seq_one_letter_code
;MDGTAAEPRPGAGSLQHAQPPPQPRKKRPEDFKFGKILGEGSFSTVVLARELATSREYAIKILEKRHIIKENKVPYVTRE
RDVMSRLDHPFFVKLYFTFQDDEKLYFGLSYAKNGELLKYIRKIGSFDETCTRFYTAEIVSALEYLHGKGIIHRDLKPEN
ILLNEDMHIQITDFGTAKVLSPESKQARAN(SEP)FVGTAQYVSPELLTEKSACKSSDLWALGCIIYQLVAGLPPFRAGN
EYLIFQKIIKLEYDFPEKFFPKARDLVEKLLVLDATKRLGCEEMEGYGPLKAHPFFESVTWENLHQQTPPKLT
;
_entity_poly.pdbx_strand_id   A
#
# COMPACT_ATOMS: atom_id res chain seq x y z
N PRO A 21 -13.44 29.60 -0.96
CA PRO A 21 -12.17 29.82 -0.26
C PRO A 21 -10.99 30.03 -1.21
N PRO A 22 -10.37 31.24 -1.20
CA PRO A 22 -9.26 31.51 -2.13
C PRO A 22 -7.96 30.76 -1.81
N GLN A 23 -7.82 29.55 -2.38
CA GLN A 23 -6.65 28.66 -2.30
C GLN A 23 -5.45 29.32 -3.09
N PRO A 24 -4.20 28.77 -3.09
CA PRO A 24 -3.12 29.43 -3.84
C PRO A 24 -3.28 29.33 -5.36
N ARG A 25 -2.42 30.07 -6.11
CA ARG A 25 -2.37 30.04 -7.57
C ARG A 25 -1.84 28.66 -7.99
N LYS A 26 -2.10 28.26 -9.26
CA LYS A 26 -1.65 26.98 -9.76
C LYS A 26 -0.12 26.94 -9.84
N LYS A 27 0.47 25.79 -9.54
CA LYS A 27 1.90 25.65 -9.64
C LYS A 27 2.19 25.33 -11.09
N ARG A 28 3.45 25.38 -11.50
CA ARG A 28 3.84 25.10 -12.89
C ARG A 28 5.22 24.39 -12.90
N PRO A 29 5.59 23.68 -14.00
CA PRO A 29 6.89 22.97 -14.01
C PRO A 29 8.12 23.83 -13.73
N GLU A 30 8.10 25.15 -14.10
CA GLU A 30 9.24 26.05 -13.90
C GLU A 30 9.43 26.49 -12.43
N ASP A 31 8.49 26.09 -11.54
CA ASP A 31 8.48 26.36 -10.10
C ASP A 31 9.36 25.34 -9.34
N PHE A 32 9.75 24.27 -10.06
CA PHE A 32 10.51 23.12 -9.59
C PHE A 32 11.79 22.92 -10.31
N LYS A 33 12.73 22.25 -9.60
CA LYS A 33 13.97 21.78 -10.17
C LYS A 33 13.74 20.28 -10.12
N PHE A 34 13.51 19.66 -11.32
CA PHE A 34 13.30 18.22 -11.41
C PHE A 34 14.63 17.53 -11.20
N GLY A 35 14.60 16.37 -10.54
CA GLY A 35 15.76 15.58 -10.18
C GLY A 35 15.62 14.13 -10.60
N LYS A 36 16.19 13.21 -9.82
CA LYS A 36 16.15 11.78 -10.13
C LYS A 36 14.74 11.18 -10.24
N ILE A 37 14.59 10.11 -11.04
CA ILE A 37 13.35 9.34 -11.14
C ILE A 37 13.27 8.44 -9.88
N LEU A 38 12.12 8.43 -9.22
CA LEU A 38 11.88 7.64 -8.01
C LEU A 38 11.17 6.35 -8.36
N GLY A 39 10.49 6.34 -9.49
CA GLY A 39 9.78 5.14 -9.89
C GLY A 39 8.98 5.28 -11.17
N GLU A 40 8.43 4.14 -11.60
CA GLU A 40 7.61 4.03 -12.79
C GLU A 40 6.35 3.23 -12.53
N GLY A 41 5.21 3.86 -12.82
CA GLY A 41 3.90 3.24 -12.79
C GLY A 41 3.63 2.65 -14.16
N SER A 42 2.38 2.23 -14.41
CA SER A 42 2.01 1.62 -15.70
C SER A 42 1.86 2.65 -16.85
N PHE A 43 1.39 3.88 -16.51
CA PHE A 43 1.15 4.97 -17.47
C PHE A 43 1.82 6.28 -17.01
N SER A 44 2.63 6.18 -15.93
CA SER A 44 3.34 7.28 -15.27
C SER A 44 4.80 6.97 -14.84
N THR A 45 5.53 8.06 -14.51
CA THR A 45 6.88 8.04 -13.92
C THR A 45 6.87 9.09 -12.81
N VAL A 46 7.38 8.72 -11.61
CA VAL A 46 7.47 9.58 -10.41
C VAL A 46 8.88 10.17 -10.33
N VAL A 47 8.97 11.52 -10.23
CA VAL A 47 10.25 12.27 -10.25
C VAL A 47 10.40 13.07 -8.99
N LEU A 48 11.59 13.03 -8.37
CA LEU A 48 11.92 13.83 -7.20
C LEU A 48 12.09 15.25 -7.72
N ALA A 49 11.45 16.23 -7.07
CA ALA A 49 11.44 17.65 -7.47
C ALA A 49 11.59 18.57 -6.24
N ARG A 50 12.30 19.68 -6.41
CA ARG A 50 12.46 20.65 -5.33
C ARG A 50 11.79 21.95 -5.69
N GLU A 51 10.77 22.33 -4.91
CA GLU A 51 10.08 23.60 -5.11
C GLU A 51 11.08 24.72 -4.78
N LEU A 52 11.33 25.60 -5.76
CA LEU A 52 12.33 26.65 -5.61
C LEU A 52 11.99 27.69 -4.55
N ALA A 53 10.72 28.16 -4.48
CA ALA A 53 10.35 29.19 -3.51
C ALA A 53 10.34 28.72 -2.04
N THR A 54 10.34 27.39 -1.80
CA THR A 54 10.25 26.79 -0.47
C THR A 54 11.41 25.88 -0.02
N SER A 55 12.08 25.16 -0.96
CA SER A 55 13.15 24.14 -0.78
C SER A 55 12.53 22.75 -0.50
N ARG A 56 11.20 22.67 -0.54
CA ARG A 56 10.43 21.46 -0.27
C ARG A 56 10.65 20.41 -1.32
N GLU A 57 10.81 19.17 -0.86
CA GLU A 57 11.00 18.03 -1.73
C GLU A 57 9.67 17.33 -1.94
N TYR A 58 9.22 17.23 -3.20
CA TYR A 58 7.98 16.51 -3.55
C TYR A 58 8.27 15.38 -4.56
N ALA A 59 7.47 14.32 -4.49
CA ALA A 59 7.55 13.24 -5.45
C ALA A 59 6.44 13.54 -6.43
N ILE A 60 6.79 14.03 -7.63
CA ILE A 60 5.82 14.40 -8.63
C ILE A 60 5.60 13.25 -9.58
N LYS A 61 4.36 12.72 -9.59
CA LYS A 61 3.95 11.68 -10.50
C LYS A 61 3.54 12.41 -11.79
N ILE A 62 4.25 12.11 -12.92
CA ILE A 62 4.04 12.71 -14.25
C ILE A 62 3.37 11.70 -15.20
N LEU A 63 2.24 12.11 -15.77
CA LEU A 63 1.40 11.30 -16.65
C LEU A 63 1.27 12.02 -17.99
N GLU A 64 1.41 11.27 -19.12
CA GLU A 64 1.31 11.85 -20.47
C GLU A 64 -0.12 11.73 -20.99
N LYS A 65 -0.79 12.89 -21.22
CA LYS A 65 -2.20 12.96 -21.64
C LYS A 65 -2.54 12.07 -22.88
N ARG A 66 -1.69 12.08 -23.90
CA ARG A 66 -1.87 11.27 -25.10
C ARG A 66 -1.89 9.79 -24.73
N HIS A 67 -0.90 9.31 -23.95
CA HIS A 67 -0.83 7.91 -23.54
C HIS A 67 -2.07 7.48 -22.74
N ILE A 68 -2.50 8.33 -21.77
CA ILE A 68 -3.69 8.06 -20.93
C ILE A 68 -4.96 7.94 -21.78
N ILE A 69 -5.14 8.88 -22.74
CA ILE A 69 -6.29 8.86 -23.62
C ILE A 69 -6.19 7.60 -24.45
N LYS A 70 -5.10 7.45 -25.24
CA LYS A 70 -4.79 6.31 -26.12
C LYS A 70 -5.14 4.95 -25.49
N GLU A 71 -4.65 4.70 -24.25
CA GLU A 71 -4.81 3.44 -23.50
C GLU A 71 -6.12 3.30 -22.72
N ASN A 72 -7.00 4.32 -22.81
CA ASN A 72 -8.29 4.44 -22.10
C ASN A 72 -8.11 4.34 -20.55
N LYS A 73 -7.24 5.21 -20.01
CA LYS A 73 -6.99 5.26 -18.57
C LYS A 73 -7.51 6.56 -17.92
N VAL A 74 -8.33 7.36 -18.66
CA VAL A 74 -8.91 8.59 -18.09
C VAL A 74 -9.70 8.25 -16.82
N PRO A 75 -10.56 7.18 -16.77
CA PRO A 75 -11.25 6.84 -15.50
C PRO A 75 -10.30 6.39 -14.40
N TYR A 76 -9.16 5.77 -14.77
N TYR A 76 -9.17 5.78 -14.77
CA TYR A 76 -8.11 5.29 -13.89
CA TYR A 76 -8.14 5.28 -13.87
C TYR A 76 -7.47 6.48 -13.19
C TYR A 76 -7.39 6.42 -13.19
N VAL A 77 -6.94 7.43 -13.97
CA VAL A 77 -6.24 8.64 -13.48
C VAL A 77 -7.18 9.54 -12.65
N THR A 78 -8.44 9.61 -13.07
CA THR A 78 -9.45 10.39 -12.37
C THR A 78 -9.70 9.85 -10.98
N ARG A 79 -9.99 8.52 -10.87
CA ARG A 79 -10.25 7.79 -9.64
C ARG A 79 -9.08 7.99 -8.69
N GLU A 80 -7.83 7.80 -9.20
CA GLU A 80 -6.58 7.96 -8.46
C GLU A 80 -6.48 9.31 -7.81
N ARG A 81 -6.66 10.38 -8.61
CA ARG A 81 -6.62 11.76 -8.15
C ARG A 81 -7.73 11.99 -7.12
N ASP A 82 -8.92 11.44 -7.36
CA ASP A 82 -10.04 11.63 -6.44
C ASP A 82 -9.80 10.92 -5.08
N VAL A 83 -9.29 9.67 -5.09
CA VAL A 83 -8.97 8.93 -3.86
C VAL A 83 -7.92 9.68 -3.03
N MET A 84 -6.76 10.02 -3.64
CA MET A 84 -5.68 10.72 -2.94
C MET A 84 -6.11 12.05 -2.34
N SER A 85 -7.03 12.79 -2.98
CA SER A 85 -7.58 14.02 -2.43
C SER A 85 -8.36 13.78 -1.11
N ARG A 86 -9.04 12.63 -1.03
CA ARG A 86 -9.89 12.18 0.09
C ARG A 86 -9.09 11.65 1.31
N LEU A 87 -7.82 11.34 1.12
CA LEU A 87 -6.94 10.82 2.17
C LEU A 87 -6.44 11.93 3.07
N ASP A 88 -6.47 11.68 4.40
CA ASP A 88 -5.99 12.61 5.41
C ASP A 88 -5.47 11.88 6.67
N HIS A 89 -4.46 11.04 6.48
CA HIS A 89 -3.86 10.23 7.54
C HIS A 89 -2.33 10.20 7.40
N PRO A 90 -1.59 10.21 8.55
CA PRO A 90 -0.12 10.19 8.47
C PRO A 90 0.47 8.94 7.81
N PHE A 91 -0.33 7.87 7.63
CA PHE A 91 0.18 6.61 7.07
C PHE A 91 -0.10 6.48 5.60
N PHE A 92 -0.57 7.56 4.99
CA PHE A 92 -0.81 7.62 3.57
C PHE A 92 -0.10 8.76 2.94
N VAL A 93 0.38 8.56 1.73
CA VAL A 93 1.01 9.61 0.94
C VAL A 93 -0.05 10.70 0.71
N LYS A 94 0.35 11.97 0.77
CA LYS A 94 -0.57 13.10 0.56
C LYS A 94 -0.44 13.69 -0.84
N LEU A 95 -1.55 14.17 -1.41
CA LEU A 95 -1.53 14.86 -2.69
C LEU A 95 -1.62 16.35 -2.30
N TYR A 96 -0.51 17.09 -2.54
CA TYR A 96 -0.38 18.51 -2.22
C TYR A 96 -0.94 19.43 -3.28
N PHE A 97 -0.82 19.06 -4.57
CA PHE A 97 -1.22 19.85 -5.73
C PHE A 97 -1.23 19.00 -7.01
N THR A 98 -1.86 19.55 -8.05
CA THR A 98 -1.88 19.01 -9.39
C THR A 98 -1.86 20.21 -10.32
N PHE A 99 -1.13 20.09 -11.43
CA PHE A 99 -1.14 21.13 -12.44
C PHE A 99 -0.93 20.44 -13.75
N GLN A 100 -1.05 21.15 -14.87
CA GLN A 100 -0.84 20.53 -16.17
C GLN A 100 -0.30 21.48 -17.20
N ASP A 101 0.55 20.97 -18.05
CA ASP A 101 1.05 21.73 -19.17
C ASP A 101 0.30 21.24 -20.43
N ASP A 102 0.85 21.42 -21.64
CA ASP A 102 0.13 21.02 -22.87
C ASP A 102 0.22 19.53 -23.15
N GLU A 103 1.23 18.86 -22.61
CA GLU A 103 1.50 17.46 -22.87
C GLU A 103 1.28 16.55 -21.68
N LYS A 104 1.41 17.09 -20.42
CA LYS A 104 1.43 16.28 -19.20
C LYS A 104 0.60 16.73 -18.00
N LEU A 105 0.29 15.77 -17.10
CA LEU A 105 -0.39 15.94 -15.82
C LEU A 105 0.65 15.73 -14.74
N TYR A 106 0.60 16.54 -13.68
CA TYR A 106 1.55 16.47 -12.59
C TYR A 106 0.78 16.37 -11.30
N PHE A 107 1.14 15.41 -10.45
CA PHE A 107 0.53 15.24 -9.13
C PHE A 107 1.67 15.38 -8.13
N GLY A 108 1.58 16.38 -7.26
CA GLY A 108 2.57 16.60 -6.22
C GLY A 108 2.29 15.74 -5.01
N LEU A 109 3.06 14.69 -4.84
CA LEU A 109 2.91 13.72 -3.74
C LEU A 109 3.98 13.90 -2.68
N SER A 110 3.69 13.45 -1.45
CA SER A 110 4.70 13.48 -0.39
C SER A 110 5.85 12.54 -0.71
N TYR A 111 7.08 13.00 -0.44
CA TYR A 111 8.30 12.23 -0.71
C TYR A 111 8.72 11.40 0.50
N ALA A 112 8.75 10.08 0.34
CA ALA A 112 9.19 9.15 1.36
C ALA A 112 10.73 8.89 1.16
N LYS A 113 11.60 9.65 1.89
CA LYS A 113 13.07 9.56 1.74
C LYS A 113 13.66 8.16 1.87
N ASN A 114 13.20 7.38 2.86
CA ASN A 114 13.73 6.04 3.12
C ASN A 114 13.19 4.95 2.19
N GLY A 115 12.48 5.34 1.13
CA GLY A 115 11.98 4.46 0.08
C GLY A 115 10.97 3.42 0.49
N GLU A 116 10.89 2.35 -0.30
CA GLU A 116 10.01 1.21 -0.13
C GLU A 116 10.45 0.35 1.04
N LEU A 117 9.49 -0.43 1.59
CA LEU A 117 9.67 -1.38 2.68
C LEU A 117 10.35 -2.61 2.13
N LEU A 118 10.12 -2.92 0.83
CA LEU A 118 10.72 -4.08 0.16
C LEU A 118 12.25 -3.99 0.19
N LYS A 119 12.80 -2.76 0.12
CA LYS A 119 14.24 -2.55 0.18
C LYS A 119 14.78 -2.97 1.55
N TYR A 120 14.00 -2.71 2.63
CA TYR A 120 14.35 -3.09 3.99
C TYR A 120 14.29 -4.58 4.18
N ILE A 121 13.23 -5.22 3.64
CA ILE A 121 13.05 -6.67 3.69
C ILE A 121 14.30 -7.34 3.10
N ARG A 122 14.74 -6.91 1.89
CA ARG A 122 15.94 -7.41 1.20
C ARG A 122 17.21 -7.15 2.00
N LYS A 123 17.38 -5.90 2.49
CA LYS A 123 18.54 -5.43 3.25
C LYS A 123 18.73 -6.17 4.60
N ILE A 124 17.74 -6.13 5.49
CA ILE A 124 17.86 -6.75 6.81
C ILE A 124 17.56 -8.27 6.79
N GLY A 125 17.07 -8.78 5.65
CA GLY A 125 16.77 -10.20 5.50
C GLY A 125 15.34 -10.50 5.89
N SER A 126 15.04 -10.49 7.19
CA SER A 126 13.69 -10.68 7.73
C SER A 126 13.59 -10.03 9.12
N PHE A 127 12.44 -9.41 9.40
CA PHE A 127 12.14 -8.65 10.63
C PHE A 127 12.06 -9.49 11.89
N ASP A 128 12.46 -8.88 13.04
CA ASP A 128 12.37 -9.46 14.39
C ASP A 128 10.91 -9.25 14.87
N GLU A 129 10.49 -9.90 15.99
CA GLU A 129 9.11 -9.80 16.50
C GLU A 129 8.61 -8.37 16.74
N THR A 130 9.47 -7.48 17.28
CA THR A 130 9.18 -6.08 17.59
C THR A 130 8.86 -5.26 16.32
N CYS A 131 9.73 -5.34 15.29
CA CYS A 131 9.60 -4.61 14.03
C CYS A 131 8.39 -5.09 13.24
N THR A 132 8.21 -6.44 13.14
CA THR A 132 7.07 -7.09 12.50
C THR A 132 5.83 -6.55 13.19
N ARG A 133 5.74 -6.63 14.56
CA ARG A 133 4.59 -6.13 15.33
C ARG A 133 4.30 -4.67 15.04
N PHE A 134 5.36 -3.82 15.05
CA PHE A 134 5.22 -2.39 14.81
C PHE A 134 4.72 -2.05 13.43
N TYR A 135 5.40 -2.55 12.38
CA TYR A 135 5.06 -2.21 11.02
C TYR A 135 3.72 -2.82 10.56
N THR A 136 3.36 -4.00 11.09
CA THR A 136 2.07 -4.63 10.81
C THR A 136 0.97 -3.78 11.46
N ALA A 137 1.18 -3.32 12.72
CA ALA A 137 0.23 -2.50 13.44
C ALA A 137 -0.06 -1.24 12.63
N GLU A 138 0.98 -0.56 12.14
CA GLU A 138 0.81 0.59 11.26
C GLU A 138 0.00 0.22 10.01
N ILE A 139 0.28 -0.94 9.36
CA ILE A 139 -0.49 -1.33 8.18
C ILE A 139 -1.98 -1.55 8.56
N VAL A 140 -2.25 -2.20 9.72
CA VAL A 140 -3.60 -2.46 10.22
C VAL A 140 -4.30 -1.11 10.46
N SER A 141 -3.65 -0.20 11.20
CA SER A 141 -4.13 1.15 11.49
C SER A 141 -4.47 1.96 10.20
N ALA A 142 -3.60 1.86 9.18
CA ALA A 142 -3.79 2.52 7.88
C ALA A 142 -5.01 1.92 7.14
N LEU A 143 -5.11 0.57 7.08
CA LEU A 143 -6.23 -0.12 6.46
C LEU A 143 -7.53 0.18 7.16
N GLU A 144 -7.49 0.34 8.50
CA GLU A 144 -8.67 0.67 9.30
C GLU A 144 -9.19 2.04 8.91
N TYR A 145 -8.28 3.00 8.67
CA TYR A 145 -8.61 4.34 8.21
C TYR A 145 -9.16 4.27 6.79
N LEU A 146 -8.42 3.62 5.87
CA LEU A 146 -8.81 3.48 4.47
C LEU A 146 -10.19 2.87 4.32
N HIS A 147 -10.39 1.68 4.93
CA HIS A 147 -11.65 0.93 4.90
C HIS A 147 -12.83 1.64 5.61
N GLY A 148 -12.56 2.53 6.55
CA GLY A 148 -13.60 3.29 7.21
C GLY A 148 -14.11 4.37 6.28
N LYS A 149 -13.33 4.66 5.23
CA LYS A 149 -13.68 5.65 4.21
C LYS A 149 -14.32 5.00 2.95
N GLY A 150 -14.46 3.68 2.95
CA GLY A 150 -15.02 2.95 1.82
C GLY A 150 -14.07 2.84 0.64
N ILE A 151 -12.78 3.03 0.89
CA ILE A 151 -11.76 2.91 -0.12
C ILE A 151 -11.07 1.54 0.07
N ILE A 152 -10.63 0.95 -1.04
CA ILE A 152 -9.96 -0.34 -1.09
C ILE A 152 -8.74 -0.20 -2.01
N HIS A 153 -7.54 -0.54 -1.51
CA HIS A 153 -6.29 -0.39 -2.25
C HIS A 153 -6.19 -1.28 -3.49
N ARG A 154 -6.62 -2.56 -3.39
CA ARG A 154 -6.64 -3.56 -4.47
C ARG A 154 -5.26 -3.98 -5.04
N ASP A 155 -4.19 -3.34 -4.62
CA ASP A 155 -2.89 -3.70 -5.11
C ASP A 155 -1.79 -3.61 -4.07
N LEU A 156 -2.12 -3.61 -2.80
CA LEU A 156 -1.14 -3.43 -1.74
C LEU A 156 0.02 -4.41 -1.62
N LYS A 157 1.23 -3.89 -1.49
CA LYS A 157 2.44 -4.68 -1.38
C LYS A 157 3.56 -3.87 -0.77
N PRO A 158 4.68 -4.57 -0.36
CA PRO A 158 5.76 -3.76 0.23
C PRO A 158 6.32 -2.68 -0.67
N GLU A 159 6.27 -2.89 -1.95
CA GLU A 159 6.69 -1.91 -2.97
C GLU A 159 5.88 -0.58 -2.79
N ASN A 160 4.57 -0.70 -2.43
CA ASN A 160 3.57 0.36 -2.17
C ASN A 160 3.68 0.96 -0.76
N ILE A 161 4.26 0.22 0.19
CA ILE A 161 4.40 0.66 1.57
C ILE A 161 5.76 1.37 1.71
N LEU A 162 5.74 2.70 1.59
CA LEU A 162 6.93 3.54 1.67
C LEU A 162 7.25 3.91 3.10
N LEU A 163 8.51 4.31 3.34
CA LEU A 163 8.95 4.71 4.66
C LEU A 163 9.46 6.12 4.68
N ASN A 164 8.86 6.99 5.50
CA ASN A 164 9.29 8.38 5.54
C ASN A 164 10.58 8.51 6.34
N GLU A 165 11.11 9.75 6.47
CA GLU A 165 12.34 10.11 7.17
C GLU A 165 12.40 9.52 8.57
N ASP A 166 11.29 9.66 9.34
CA ASP A 166 11.17 9.16 10.72
C ASP A 166 10.86 7.66 10.79
N MET A 167 11.00 6.95 9.66
CA MET A 167 10.78 5.52 9.51
C MET A 167 9.30 5.06 9.76
N HIS A 168 8.32 5.97 9.62
CA HIS A 168 6.91 5.56 9.69
C HIS A 168 6.43 5.19 8.26
N ILE A 169 5.30 4.45 8.13
CA ILE A 169 4.85 4.04 6.79
C ILE A 169 4.09 5.17 6.13
N GLN A 170 4.04 5.12 4.80
CA GLN A 170 3.29 6.05 3.95
C GLN A 170 2.89 5.17 2.79
N ILE A 171 1.60 4.81 2.72
CA ILE A 171 1.10 3.97 1.63
C ILE A 171 0.79 4.84 0.41
N THR A 172 1.14 4.34 -0.77
CA THR A 172 0.95 5.04 -2.01
C THR A 172 0.44 4.11 -3.08
N ASP A 173 0.21 4.64 -4.28
CA ASP A 173 -0.27 3.86 -5.41
C ASP A 173 -1.76 3.59 -5.44
N PHE A 174 -2.51 4.64 -5.66
CA PHE A 174 -3.94 4.54 -5.68
C PHE A 174 -4.60 4.47 -7.04
N GLY A 175 -3.79 4.28 -8.06
CA GLY A 175 -4.29 4.17 -9.44
C GLY A 175 -5.28 3.04 -9.61
N THR A 176 -4.90 1.88 -9.07
CA THR A 176 -5.61 0.60 -9.02
C THR A 176 -6.81 0.59 -8.02
N ALA A 177 -6.84 1.54 -7.05
CA ALA A 177 -7.85 1.60 -5.97
C ALA A 177 -9.30 1.75 -6.42
N LYS A 178 -10.24 1.32 -5.56
CA LYS A 178 -11.69 1.36 -5.75
C LYS A 178 -12.37 2.04 -4.56
N VAL A 179 -13.42 2.82 -4.86
CA VAL A 179 -14.25 3.50 -3.86
C VAL A 179 -15.62 2.81 -3.90
N LEU A 180 -16.09 2.33 -2.74
CA LEU A 180 -17.36 1.59 -2.60
C LEU A 180 -18.61 2.43 -2.82
N SER A 181 -19.45 1.97 -3.78
CA SER A 181 -20.72 2.60 -4.15
C SER A 181 -21.82 2.26 -3.15
N PHE A 192 -10.19 -5.20 -12.05
CA PHE A 192 -8.73 -5.33 -12.17
C PHE A 192 -8.14 -6.40 -11.23
N VAL A 193 -6.95 -6.94 -11.57
CA VAL A 193 -6.19 -7.94 -10.80
C VAL A 193 -4.77 -7.35 -10.54
N GLY A 194 -4.38 -7.22 -9.27
CA GLY A 194 -3.08 -6.67 -8.84
C GLY A 194 -1.86 -7.52 -9.11
N THR A 195 -0.79 -7.35 -8.27
CA THR A 195 0.48 -8.10 -8.33
C THR A 195 0.19 -9.56 -7.96
N ALA A 196 0.53 -10.51 -8.86
CA ALA A 196 0.24 -11.94 -8.75
C ALA A 196 0.41 -12.57 -7.35
N GLN A 197 1.54 -12.27 -6.66
CA GLN A 197 1.88 -12.84 -5.34
C GLN A 197 0.95 -12.46 -4.19
N TYR A 198 0.25 -11.32 -4.32
CA TYR A 198 -0.65 -10.72 -3.31
C TYR A 198 -2.14 -10.80 -3.71
N VAL A 199 -2.45 -11.45 -4.84
CA VAL A 199 -3.81 -11.66 -5.35
C VAL A 199 -4.54 -12.67 -4.44
N SER A 200 -5.77 -12.32 -4.02
CA SER A 200 -6.65 -13.11 -3.16
C SER A 200 -7.40 -14.12 -4.01
N PRO A 201 -7.88 -15.21 -3.44
CA PRO A 201 -8.58 -16.21 -4.23
C PRO A 201 -9.85 -15.77 -4.92
N GLU A 202 -10.65 -14.96 -4.27
CA GLU A 202 -11.90 -14.51 -4.85
C GLU A 202 -11.66 -13.76 -6.14
N LEU A 203 -10.56 -13.06 -6.20
CA LEU A 203 -10.22 -12.33 -7.38
C LEU A 203 -9.97 -13.26 -8.54
N LEU A 204 -9.34 -14.38 -8.25
CA LEU A 204 -9.03 -15.37 -9.23
C LEU A 204 -10.21 -16.09 -9.77
N THR A 205 -11.27 -16.19 -8.98
CA THR A 205 -12.46 -16.90 -9.41
C THR A 205 -13.62 -16.05 -9.86
N GLU A 206 -14.20 -15.35 -8.91
CA GLU A 206 -15.35 -14.50 -9.16
C GLU A 206 -15.09 -13.25 -9.96
N LYS A 207 -13.85 -12.82 -10.06
CA LYS A 207 -13.57 -11.57 -10.72
C LYS A 207 -14.29 -10.47 -9.92
N SER A 208 -14.06 -10.49 -8.61
CA SER A 208 -14.62 -9.56 -7.61
C SER A 208 -13.64 -9.28 -6.46
N ALA A 209 -13.78 -8.10 -5.81
CA ALA A 209 -12.93 -7.68 -4.68
C ALA A 209 -13.66 -6.71 -3.74
N CYS A 210 -13.16 -6.62 -2.49
CA CYS A 210 -13.62 -5.72 -1.44
C CYS A 210 -12.54 -5.62 -0.37
N LYS A 211 -12.89 -5.14 0.83
CA LYS A 211 -11.97 -4.95 1.96
C LYS A 211 -11.15 -6.20 2.27
N SER A 212 -11.80 -7.38 2.13
CA SER A 212 -11.23 -8.72 2.33
C SER A 212 -10.02 -9.01 1.43
N SER A 213 -9.93 -8.37 0.25
CA SER A 213 -8.80 -8.50 -0.66
C SER A 213 -7.56 -7.85 -0.03
N ASP A 214 -7.74 -6.68 0.63
CA ASP A 214 -6.66 -5.98 1.32
C ASP A 214 -6.17 -6.78 2.53
N LEU A 215 -7.09 -7.38 3.29
CA LEU A 215 -6.76 -8.19 4.46
C LEU A 215 -5.98 -9.43 4.07
N TRP A 216 -6.23 -10.02 2.87
CA TRP A 216 -5.50 -11.16 2.34
C TRP A 216 -4.08 -10.68 2.08
N ALA A 217 -3.92 -9.61 1.28
CA ALA A 217 -2.65 -8.97 0.95
C ALA A 217 -1.84 -8.72 2.22
N LEU A 218 -2.49 -8.23 3.33
CA LEU A 218 -1.92 -7.95 4.66
C LEU A 218 -1.30 -9.19 5.24
N GLY A 219 -2.04 -10.31 5.15
CA GLY A 219 -1.60 -11.63 5.60
C GLY A 219 -0.31 -12.04 4.93
N CYS A 220 -0.23 -11.84 3.56
CA CYS A 220 0.95 -12.09 2.72
C CYS A 220 2.14 -11.24 3.22
N ILE A 221 1.86 -9.96 3.59
CA ILE A 221 2.87 -9.01 4.06
C ILE A 221 3.42 -9.42 5.41
N ILE A 222 2.53 -9.78 6.36
CA ILE A 222 2.96 -10.23 7.69
C ILE A 222 3.91 -11.41 7.52
N TYR A 223 3.54 -12.38 6.65
CA TYR A 223 4.33 -13.56 6.31
C TYR A 223 5.74 -13.17 5.80
N GLN A 224 5.80 -12.27 4.80
CA GLN A 224 7.04 -11.78 4.18
C GLN A 224 7.96 -11.05 5.18
N LEU A 225 7.37 -10.30 6.14
CA LEU A 225 8.11 -9.60 7.17
C LEU A 225 8.89 -10.59 8.04
N VAL A 226 8.22 -11.69 8.45
CA VAL A 226 8.81 -12.73 9.31
C VAL A 226 9.73 -13.65 8.53
N ALA A 227 9.23 -14.21 7.43
CA ALA A 227 9.95 -15.20 6.64
C ALA A 227 11.03 -14.66 5.69
N GLY A 228 10.87 -13.44 5.19
CA GLY A 228 11.80 -12.83 4.25
C GLY A 228 11.30 -12.93 2.82
N LEU A 229 10.32 -13.83 2.58
CA LEU A 229 9.71 -14.08 1.28
C LEU A 229 8.19 -14.07 1.32
N PRO A 230 7.49 -13.76 0.19
CA PRO A 230 6.02 -13.89 0.19
C PRO A 230 5.60 -15.39 0.31
N PRO A 231 4.35 -15.72 0.73
CA PRO A 231 4.02 -17.14 1.00
C PRO A 231 3.84 -18.05 -0.21
N PHE A 232 3.32 -17.51 -1.30
CA PHE A 232 3.04 -18.27 -2.52
C PHE A 232 4.04 -17.84 -3.57
N ARG A 233 4.95 -18.74 -3.94
CA ARG A 233 5.97 -18.44 -4.95
C ARG A 233 6.07 -19.58 -5.97
N ALA A 234 6.24 -19.23 -7.26
CA ALA A 234 6.36 -20.23 -8.33
C ALA A 234 7.10 -19.70 -9.56
N GLY A 235 7.35 -20.59 -10.53
CA GLY A 235 8.06 -20.28 -11.76
C GLY A 235 7.45 -19.19 -12.62
N ASN A 236 6.10 -19.08 -12.58
CA ASN A 236 5.37 -18.10 -13.37
C ASN A 236 4.03 -17.74 -12.73
N GLU A 237 3.40 -16.67 -13.25
CA GLU A 237 2.09 -16.16 -12.83
C GLU A 237 1.05 -17.27 -12.66
N TYR A 238 0.92 -18.17 -13.67
CA TYR A 238 -0.06 -19.23 -13.66
C TYR A 238 0.12 -20.17 -12.47
N LEU A 239 1.37 -20.63 -12.22
CA LEU A 239 1.70 -21.54 -11.12
C LEU A 239 1.44 -20.87 -9.74
N ILE A 240 1.72 -19.54 -9.61
CA ILE A 240 1.49 -18.74 -8.39
C ILE A 240 -0.01 -18.80 -8.06
N PHE A 241 -0.84 -18.46 -9.04
CA PHE A 241 -2.29 -18.49 -9.01
C PHE A 241 -2.84 -19.87 -8.64
N GLN A 242 -2.17 -20.94 -9.13
CA GLN A 242 -2.53 -22.33 -8.85
C GLN A 242 -2.33 -22.60 -7.36
N LYS A 243 -1.19 -22.14 -6.77
CA LYS A 243 -0.90 -22.26 -5.32
C LYS A 243 -1.88 -21.47 -4.46
N ILE A 244 -2.19 -20.22 -4.86
CA ILE A 244 -3.14 -19.37 -4.12
C ILE A 244 -4.51 -20.07 -3.91
N ILE A 245 -5.18 -20.49 -5.00
CA ILE A 245 -6.53 -21.08 -4.92
C ILE A 245 -6.61 -22.40 -4.13
N LYS A 246 -5.50 -23.15 -4.04
CA LYS A 246 -5.48 -24.40 -3.27
C LYS A 246 -4.89 -24.18 -1.89
N LEU A 247 -4.48 -22.90 -1.61
CA LEU A 247 -3.88 -22.46 -0.35
C LEU A 247 -2.60 -23.27 -0.03
N GLU A 248 -1.78 -23.46 -1.07
CA GLU A 248 -0.54 -24.21 -1.10
C GLU A 248 0.67 -23.38 -0.64
N TYR A 249 0.79 -23.17 0.71
CA TYR A 249 1.90 -22.47 1.36
C TYR A 249 2.17 -23.12 2.72
N ASP A 250 3.32 -22.82 3.34
CA ASP A 250 3.65 -23.36 4.65
C ASP A 250 4.60 -22.45 5.41
N PHE A 251 4.61 -22.56 6.74
CA PHE A 251 5.44 -21.72 7.61
C PHE A 251 6.81 -22.30 7.93
N PRO A 252 7.90 -21.51 7.84
CA PRO A 252 9.19 -22.01 8.29
C PRO A 252 9.16 -22.23 9.80
N GLU A 253 10.06 -23.11 10.29
CA GLU A 253 10.20 -23.50 11.70
C GLU A 253 10.24 -22.30 12.67
N LYS A 254 11.01 -21.26 12.28
CA LYS A 254 11.29 -20.05 13.07
C LYS A 254 10.08 -19.17 13.37
N PHE A 255 9.16 -19.00 12.37
CA PHE A 255 7.94 -18.18 12.43
C PHE A 255 7.28 -18.10 13.81
N PHE A 256 7.19 -16.86 14.34
CA PHE A 256 6.58 -16.52 15.64
C PHE A 256 5.19 -17.12 15.70
N PRO A 257 4.87 -17.89 16.76
CA PRO A 257 3.55 -18.55 16.82
C PRO A 257 2.34 -17.62 16.75
N LYS A 258 2.35 -16.50 17.50
CA LYS A 258 1.27 -15.53 17.47
C LYS A 258 1.12 -14.82 16.10
N ALA A 259 2.23 -14.67 15.34
CA ALA A 259 2.18 -14.09 13.99
C ALA A 259 1.69 -15.17 13.02
N ARG A 260 2.12 -16.45 13.22
CA ARG A 260 1.65 -17.62 12.46
C ARG A 260 0.13 -17.72 12.60
N ASP A 261 -0.39 -17.56 13.85
CA ASP A 261 -1.82 -17.62 14.09
C ASP A 261 -2.57 -16.53 13.39
N LEU A 262 -2.06 -15.29 13.43
CA LEU A 262 -2.71 -14.14 12.79
C LEU A 262 -2.82 -14.35 11.28
N VAL A 263 -1.72 -14.78 10.65
CA VAL A 263 -1.61 -15.04 9.22
C VAL A 263 -2.60 -16.11 8.80
N GLU A 264 -2.78 -17.14 9.64
CA GLU A 264 -3.73 -18.22 9.37
C GLU A 264 -5.19 -17.72 9.39
N LYS A 265 -5.48 -16.63 10.11
CA LYS A 265 -6.81 -16.03 10.20
C LYS A 265 -7.03 -14.96 9.12
N LEU A 266 -5.99 -14.73 8.29
CA LEU A 266 -6.01 -13.78 7.18
C LEU A 266 -5.95 -14.49 5.84
N LEU A 267 -5.11 -15.53 5.74
CA LEU A 267 -5.00 -16.33 4.52
C LEU A 267 -5.99 -17.48 4.62
N VAL A 268 -7.27 -17.10 4.51
CA VAL A 268 -8.44 -17.96 4.54
C VAL A 268 -9.07 -17.82 3.14
N LEU A 269 -9.41 -18.94 2.49
CA LEU A 269 -9.99 -18.97 1.14
C LEU A 269 -11.35 -18.25 1.06
N ASP A 270 -12.27 -18.55 2.02
CA ASP A 270 -13.57 -17.88 2.12
C ASP A 270 -13.32 -16.47 2.65
N ALA A 271 -13.55 -15.48 1.78
CA ALA A 271 -13.34 -14.06 2.07
C ALA A 271 -14.10 -13.53 3.30
N THR A 272 -15.26 -14.13 3.60
CA THR A 272 -16.15 -13.72 4.70
C THR A 272 -15.66 -14.21 6.08
N LYS A 273 -14.67 -15.13 6.11
CA LYS A 273 -14.11 -15.67 7.36
C LYS A 273 -12.76 -15.02 7.72
N ARG A 274 -12.36 -13.97 6.99
CA ARG A 274 -11.10 -13.29 7.26
C ARG A 274 -11.16 -12.37 8.49
N LEU A 275 -10.22 -12.54 9.44
CA LEU A 275 -10.16 -11.70 10.64
C LEU A 275 -9.95 -10.25 10.18
N GLY A 276 -10.86 -9.36 10.59
CA GLY A 276 -10.83 -7.96 10.20
C GLY A 276 -11.95 -7.51 9.27
N CYS A 277 -12.74 -8.43 8.70
CA CYS A 277 -13.81 -7.99 7.80
C CYS A 277 -15.17 -7.91 8.51
N GLU A 278 -16.11 -7.16 7.93
CA GLU A 278 -17.45 -6.84 8.45
C GLU A 278 -18.22 -8.07 8.98
N GLU A 279 -18.14 -9.20 8.29
CA GLU A 279 -18.78 -10.45 8.69
C GLU A 279 -18.11 -11.03 9.96
N MET A 280 -16.79 -10.79 10.09
CA MET A 280 -15.94 -11.21 11.22
C MET A 280 -15.90 -10.13 12.31
N GLU A 281 -16.72 -9.08 12.14
CA GLU A 281 -17.01 -7.96 13.03
C GLU A 281 -15.94 -6.85 13.02
N GLY A 282 -15.29 -6.71 11.89
CA GLY A 282 -14.38 -5.60 11.66
C GLY A 282 -13.04 -5.61 12.33
N TYR A 283 -12.48 -4.39 12.45
CA TYR A 283 -11.14 -4.16 12.93
C TYR A 283 -10.93 -4.38 14.41
N GLY A 284 -11.97 -4.28 15.24
CA GLY A 284 -11.89 -4.54 16.68
C GLY A 284 -11.26 -5.90 16.98
N PRO A 285 -11.92 -7.03 16.59
CA PRO A 285 -11.32 -8.37 16.81
C PRO A 285 -9.91 -8.58 16.25
N LEU A 286 -9.55 -7.90 15.12
CA LEU A 286 -8.22 -7.99 14.47
C LEU A 286 -7.16 -7.24 15.30
N LYS A 287 -7.42 -5.97 15.65
CA LYS A 287 -6.53 -5.14 16.50
C LYS A 287 -6.36 -5.79 17.87
N ALA A 288 -7.28 -6.69 18.26
CA ALA A 288 -7.35 -7.43 19.51
C ALA A 288 -6.62 -8.76 19.47
N HIS A 289 -6.11 -9.21 18.30
CA HIS A 289 -5.38 -10.48 18.17
C HIS A 289 -4.20 -10.55 19.18
N PRO A 290 -3.93 -11.70 19.85
CA PRO A 290 -2.81 -11.76 20.82
C PRO A 290 -1.46 -11.22 20.33
N PHE A 291 -1.17 -11.32 19.02
CA PHE A 291 0.08 -10.83 18.42
C PHE A 291 0.33 -9.35 18.70
N PHE A 292 -0.75 -8.56 18.82
CA PHE A 292 -0.73 -7.12 19.06
C PHE A 292 -1.09 -6.75 20.52
N GLU A 293 -0.76 -7.60 21.52
CA GLU A 293 -1.13 -7.36 22.92
C GLU A 293 -0.56 -6.05 23.47
N SER A 294 0.77 -5.87 23.28
CA SER A 294 1.57 -4.73 23.71
C SER A 294 1.34 -3.49 22.82
N VAL A 295 0.58 -3.61 21.72
CA VAL A 295 0.32 -2.45 20.84
C VAL A 295 -0.64 -1.48 21.52
N THR A 296 -0.31 -0.18 21.39
CA THR A 296 -1.14 0.96 21.78
C THR A 296 -1.48 1.60 20.43
N TRP A 297 -2.66 1.22 19.90
CA TRP A 297 -3.21 1.55 18.59
C TRP A 297 -3.46 3.01 18.40
N GLU A 298 -3.96 3.62 19.45
CA GLU A 298 -4.39 4.99 19.63
C GLU A 298 -3.41 6.04 19.06
N ASN A 299 -2.07 5.84 19.23
CA ASN A 299 -1.05 6.84 18.86
C ASN A 299 0.22 6.29 18.18
N LEU A 300 0.08 5.32 17.26
CA LEU A 300 1.23 4.71 16.56
C LEU A 300 2.16 5.73 15.92
N HIS A 301 1.61 6.76 15.21
CA HIS A 301 2.38 7.80 14.54
C HIS A 301 3.29 8.57 15.49
N GLN A 302 2.85 8.69 16.74
CA GLN A 302 3.60 9.36 17.79
C GLN A 302 4.70 8.45 18.38
N GLN A 303 4.58 7.13 18.21
CA GLN A 303 5.60 6.18 18.71
C GLN A 303 6.89 6.23 17.91
N THR A 304 8.04 5.92 18.55
CA THR A 304 9.34 5.90 17.86
C THR A 304 9.52 4.51 17.29
N PRO A 305 9.68 4.39 15.96
CA PRO A 305 9.80 3.07 15.34
C PRO A 305 11.03 2.29 15.78
N PRO A 306 10.85 0.98 16.04
CA PRO A 306 12.02 0.14 16.39
C PRO A 306 13.08 0.15 15.29
N LYS A 307 14.35 0.09 15.71
CA LYS A 307 15.50 0.07 14.80
C LYS A 307 15.56 -1.28 14.04
N LEU A 308 15.79 -1.20 12.70
CA LEU A 308 15.93 -2.33 11.76
C LEU A 308 17.41 -2.61 11.50
#